data_4NU0
#
_entry.id   4NU0
#
_cell.length_a   39.202
_cell.length_b   48.338
_cell.length_c   52.574
_cell.angle_alpha   75.30
_cell.angle_beta   72.95
_cell.angle_gamma   88.77
#
_symmetry.space_group_name_H-M   'P 1'
#
loop_
_entity.id
_entity.type
_entity.pdbx_description
1 polymer 'Adenylate kinase'
2 non-polymer 'MAGNESIUM ION'
3 non-polymer "BIS(ADENOSINE)-5'-PENTAPHOSPHATE"
4 water water
#
_entity_poly.entity_id   1
_entity_poly.type   'polypeptide(L)'
_entity_poly.pdbx_seq_one_letter_code
;GAMGSMNLLIMGLPGAGKGTQAAKIVEQFHVAHISTGDMFRAAMANQTEMGVLAKSYIDKGELVPDEVTNGIVKERLSQD
DIKETGFLLDGYPRTIEQAHALDKTLAELGIELEGIINIEVNPDSLLERLSGRIIHRVTGETFHKVFNPPVDYKEEDYYQ
REDDKPETVKRRLDVNIAQGEPIIAHYRAKGLVHDIEGNQDINDVFSDIEKVLTNLK
;
_entity_poly.pdbx_strand_id   A,B
#
loop_
_chem_comp.id
_chem_comp.type
_chem_comp.name
_chem_comp.formula
AP5 non-polymer BIS(ADENOSINE)-5'-PENTAPHOSPHATE 'C20 H29 N10 O22 P5'
MG non-polymer 'MAGNESIUM ION' 'Mg 2'
#
# COMPACT_ATOMS: atom_id res chain seq x y z
N MET A 6 14.94 6.15 -3.56
CA MET A 6 14.59 5.61 -4.91
C MET A 6 14.03 4.20 -4.78
N ASN A 7 12.93 3.95 -5.49
CA ASN A 7 12.34 2.62 -5.57
C ASN A 7 12.71 2.00 -6.92
N LEU A 8 13.65 1.06 -6.89
CA LEU A 8 14.30 0.58 -8.10
C LEU A 8 14.25 -0.94 -8.28
N LEU A 9 14.18 -1.37 -9.54
CA LEU A 9 14.47 -2.74 -9.92
C LEU A 9 15.72 -2.72 -10.76
N ILE A 10 16.58 -3.71 -10.57
CA ILE A 10 17.69 -3.94 -11.49
C ILE A 10 17.50 -5.33 -12.09
N MET A 11 17.54 -5.41 -13.41
CA MET A 11 17.22 -6.63 -14.12
C MET A 11 18.29 -6.97 -15.16
N GLY A 12 18.33 -8.24 -15.53
CA GLY A 12 19.27 -8.72 -16.51
C GLY A 12 19.36 -10.23 -16.47
N LEU A 13 19.83 -10.82 -17.56
CA LEU A 13 20.02 -12.27 -17.62
C LEU A 13 21.09 -12.67 -16.61
N PRO A 14 21.14 -13.97 -16.25
CA PRO A 14 22.19 -14.45 -15.34
C PRO A 14 23.57 -14.05 -15.83
N GLY A 15 24.34 -13.40 -14.97
CA GLY A 15 25.71 -13.01 -15.30
C GLY A 15 25.80 -11.65 -15.96
N ALA A 16 24.68 -10.98 -16.15
CA ALA A 16 24.65 -9.68 -16.82
C ALA A 16 25.32 -8.57 -16.01
N GLY A 17 25.56 -8.84 -14.72
CA GLY A 17 26.27 -7.92 -13.86
C GLY A 17 25.42 -7.21 -12.82
N LYS A 18 24.24 -7.76 -12.52
CA LYS A 18 23.34 -7.17 -11.53
C LYS A 18 24.01 -6.97 -10.16
N GLY A 19 24.60 -8.03 -9.63
CA GLY A 19 25.21 -7.98 -8.31
C GLY A 19 26.40 -7.04 -8.27
N THR A 20 27.22 -7.09 -9.31
CA THR A 20 28.38 -6.22 -9.43
C THR A 20 27.95 -4.75 -9.38
N GLN A 21 26.95 -4.41 -10.18
CA GLN A 21 26.47 -3.04 -10.26
C GLN A 21 25.69 -2.66 -9.02
N ALA A 22 24.93 -3.60 -8.46
CA ALA A 22 24.14 -3.34 -7.27
C ALA A 22 25.05 -2.91 -6.11
N ALA A 23 26.21 -3.56 -5.99
CA ALA A 23 27.15 -3.24 -4.93
C ALA A 23 27.63 -1.81 -5.05
N LYS A 24 27.86 -1.37 -6.29
CA LYS A 24 28.30 0.01 -6.54
C LYS A 24 27.18 1.00 -6.26
N ILE A 25 25.95 0.63 -6.61
CA ILE A 25 24.80 1.49 -6.37
C ILE A 25 24.58 1.71 -4.88
N VAL A 26 24.61 0.63 -4.11
CA VAL A 26 24.38 0.69 -2.67
C VAL A 26 25.45 1.53 -1.99
N GLU A 27 26.68 1.44 -2.48
CA GLU A 27 27.78 2.19 -1.90
C GLU A 27 27.56 3.70 -1.99
N GLN A 28 26.77 4.13 -2.97
CA GLN A 28 26.57 5.56 -3.22
C GLN A 28 25.21 6.09 -2.76
N PHE A 29 24.18 5.25 -2.80
CA PHE A 29 22.80 5.73 -2.64
C PHE A 29 22.08 5.21 -1.39
N HIS A 30 22.66 4.22 -0.71
CA HIS A 30 22.12 3.73 0.56
C HIS A 30 20.71 3.16 0.45
N VAL A 31 20.27 2.83 -0.76
CA VAL A 31 19.01 2.11 -0.93
C VAL A 31 19.20 0.70 -0.39
N ALA A 32 18.11 0.09 0.05
CA ALA A 32 18.17 -1.27 0.57
C ALA A 32 18.31 -2.26 -0.58
N HIS A 33 19.40 -3.03 -0.55
CA HIS A 33 19.60 -4.06 -1.57
C HIS A 33 18.81 -5.30 -1.20
N ILE A 34 17.79 -5.59 -2.00
CA ILE A 34 16.96 -6.77 -1.80
C ILE A 34 17.21 -7.74 -2.95
N SER A 35 18.08 -8.72 -2.69
CA SER A 35 18.46 -9.72 -3.68
C SER A 35 17.89 -11.08 -3.28
N THR A 36 16.98 -11.61 -4.09
CA THR A 36 16.38 -12.90 -3.80
C THR A 36 17.45 -14.00 -3.81
N GLY A 37 18.42 -13.88 -4.70
CA GLY A 37 19.54 -14.81 -4.74
C GLY A 37 20.30 -14.82 -3.43
N ASP A 38 20.68 -13.63 -2.95
CA ASP A 38 21.39 -13.50 -1.68
C ASP A 38 20.57 -14.03 -0.51
N MET A 39 19.27 -13.75 -0.54
CA MET A 39 18.38 -14.20 0.53
C MET A 39 18.31 -15.72 0.55
N PHE A 40 18.19 -16.34 -0.63
CA PHE A 40 18.16 -17.79 -0.72
C PHE A 40 19.47 -18.41 -0.25
N ARG A 41 20.59 -17.87 -0.71
CA ARG A 41 21.89 -18.45 -0.37
C ARG A 41 22.20 -18.29 1.13
N ALA A 42 21.74 -17.20 1.73
CA ALA A 42 21.90 -17.00 3.16
C ALA A 42 21.13 -18.07 3.94
N ALA A 43 19.91 -18.31 3.51
CA ALA A 43 19.06 -19.32 4.13
C ALA A 43 19.66 -20.71 3.98
N MET A 44 20.22 -20.98 2.81
CA MET A 44 20.84 -22.27 2.52
C MET A 44 22.06 -22.50 3.42
N ALA A 45 22.87 -21.46 3.59
CA ALA A 45 24.08 -21.57 4.38
C ALA A 45 23.76 -21.86 5.85
N ASN A 46 22.66 -21.28 6.33
CA ASN A 46 22.24 -21.47 7.71
C ASN A 46 21.32 -22.68 7.87
N GLN A 47 21.01 -23.34 6.75
CA GLN A 47 20.15 -24.53 6.74
C GLN A 47 18.81 -24.26 7.43
N THR A 48 18.17 -23.17 7.08
CA THR A 48 16.81 -22.89 7.53
C THR A 48 15.87 -23.72 6.68
N GLU A 49 14.60 -23.79 7.09
CA GLU A 49 13.61 -24.58 6.37
C GLU A 49 13.47 -24.12 4.92
N MET A 50 13.37 -22.82 4.73
CA MET A 50 13.19 -22.31 3.38
C MET A 50 14.47 -22.48 2.57
N GLY A 51 15.62 -22.45 3.25
CA GLY A 51 16.89 -22.66 2.60
C GLY A 51 16.98 -24.07 2.04
N VAL A 52 16.54 -25.04 2.82
CA VAL A 52 16.53 -26.44 2.37
C VAL A 52 15.62 -26.60 1.15
N LEU A 53 14.48 -25.93 1.18
CA LEU A 53 13.57 -25.95 0.03
C LEU A 53 14.23 -25.31 -1.18
N ALA A 54 14.74 -24.10 -1.01
CA ALA A 54 15.30 -23.33 -2.13
C ALA A 54 16.44 -24.07 -2.80
N LYS A 55 17.29 -24.73 -2.00
CA LYS A 55 18.44 -25.45 -2.51
C LYS A 55 18.05 -26.46 -3.60
N SER A 56 16.90 -27.09 -3.39
CA SER A 56 16.37 -28.09 -4.31
C SER A 56 16.21 -27.55 -5.72
N TYR A 57 15.81 -26.30 -5.83
CA TYR A 57 15.61 -25.68 -7.13
C TYR A 57 16.88 -25.02 -7.63
N ILE A 58 17.56 -24.31 -6.72
CA ILE A 58 18.74 -23.54 -7.06
C ILE A 58 19.89 -24.40 -7.60
N ASP A 59 20.12 -25.56 -6.99
CA ASP A 59 21.24 -26.41 -7.41
C ASP A 59 20.98 -27.02 -8.79
N LYS A 60 19.73 -26.98 -9.25
CA LYS A 60 19.40 -27.47 -10.58
C LYS A 60 19.21 -26.33 -11.58
N GLY A 61 19.31 -25.10 -11.10
CA GLY A 61 19.17 -23.93 -11.96
C GLY A 61 17.73 -23.62 -12.28
N GLU A 62 16.81 -24.14 -11.47
CA GLU A 62 15.38 -23.93 -11.67
C GLU A 62 14.88 -22.79 -10.78
N LEU A 63 13.76 -22.20 -11.17
CA LEU A 63 13.12 -21.16 -10.37
C LEU A 63 12.55 -21.73 -9.09
N VAL A 64 12.81 -21.05 -7.97
CA VAL A 64 12.10 -21.34 -6.73
C VAL A 64 10.64 -20.93 -6.94
N PRO A 65 9.68 -21.72 -6.41
CA PRO A 65 8.26 -21.41 -6.63
C PRO A 65 7.88 -19.97 -6.26
N ASP A 66 6.92 -19.42 -7.00
CA ASP A 66 6.48 -18.05 -6.82
C ASP A 66 6.01 -17.76 -5.39
N GLU A 67 5.22 -18.67 -4.83
CA GLU A 67 4.61 -18.45 -3.52
C GLU A 67 5.62 -18.12 -2.43
N VAL A 68 6.65 -18.95 -2.29
CA VAL A 68 7.66 -18.72 -1.25
C VAL A 68 8.46 -17.46 -1.58
N THR A 69 8.77 -17.29 -2.86
CA THR A 69 9.59 -16.17 -3.31
C THR A 69 8.88 -14.84 -3.05
N ASN A 70 7.62 -14.76 -3.44
CA ASN A 70 6.82 -13.56 -3.19
C ASN A 70 6.76 -13.23 -1.70
N GLY A 71 6.65 -14.27 -0.88
CA GLY A 71 6.50 -14.10 0.55
C GLY A 71 7.70 -13.45 1.22
N ILE A 72 8.90 -13.89 0.87
CA ILE A 72 10.10 -13.37 1.50
C ILE A 72 10.40 -11.95 1.04
N VAL A 73 10.00 -11.64 -0.19
CA VAL A 73 10.18 -10.28 -0.72
C VAL A 73 9.17 -9.34 -0.07
N LYS A 74 7.92 -9.79 0.03
CA LYS A 74 6.87 -8.99 0.66
C LYS A 74 7.24 -8.68 2.10
N GLU A 75 7.80 -9.67 2.79
CA GLU A 75 8.22 -9.51 4.17
C GLU A 75 9.24 -8.39 4.33
N ARG A 76 10.24 -8.37 3.44
CA ARG A 76 11.30 -7.37 3.52
C ARG A 76 10.78 -5.99 3.14
N LEU A 77 9.95 -5.93 2.10
CA LEU A 77 9.39 -4.66 1.63
C LEU A 77 8.48 -4.02 2.68
N SER A 78 7.94 -4.83 3.58
CA SER A 78 6.97 -4.36 4.56
C SER A 78 7.64 -3.75 5.80
N GLN A 79 8.96 -3.79 5.87
CA GLN A 79 9.68 -3.25 7.03
C GLN A 79 9.72 -1.72 6.98
N ASP A 80 9.96 -1.09 8.12
CA ASP A 80 9.70 0.34 8.29
C ASP A 80 10.75 1.27 7.68
N ASP A 81 11.86 0.72 7.20
CA ASP A 81 12.92 1.52 6.62
C ASP A 81 12.65 1.83 5.15
N ILE A 82 11.96 0.92 4.48
CA ILE A 82 11.81 0.94 3.03
C ILE A 82 11.20 2.23 2.48
N LYS A 83 10.17 2.74 3.16
CA LYS A 83 9.48 3.93 2.69
C LYS A 83 10.39 5.16 2.67
N GLU A 84 11.33 5.21 3.60
CA GLU A 84 12.19 6.38 3.76
C GLU A 84 13.48 6.29 2.95
N THR A 85 14.04 5.09 2.85
CA THR A 85 15.35 4.89 2.23
C THR A 85 15.25 4.51 0.76
N GLY A 86 14.15 3.85 0.39
CA GLY A 86 14.02 3.28 -0.92
C GLY A 86 14.69 1.91 -0.97
N PHE A 87 14.67 1.27 -2.13
CA PHE A 87 15.19 -0.08 -2.25
C PHE A 87 15.69 -0.36 -3.65
N LEU A 88 16.50 -1.41 -3.77
CA LEU A 88 16.95 -1.92 -5.06
C LEU A 88 16.64 -3.41 -5.13
N LEU A 89 15.58 -3.75 -5.84
CA LEU A 89 15.19 -5.15 -6.02
C LEU A 89 16.05 -5.77 -7.11
N ASP A 90 16.64 -6.92 -6.78
CA ASP A 90 17.66 -7.55 -7.62
C ASP A 90 17.36 -9.03 -7.77
N GLY A 91 17.00 -9.45 -8.98
CA GLY A 91 16.68 -10.84 -9.25
C GLY A 91 15.21 -11.15 -9.04
N TYR A 92 14.43 -10.13 -8.72
CA TYR A 92 13.00 -10.24 -8.53
C TYR A 92 12.37 -8.96 -9.04
N PRO A 93 11.25 -9.07 -9.79
CA PRO A 93 10.49 -10.27 -10.17
C PRO A 93 11.17 -11.06 -11.27
N ARG A 94 10.97 -12.37 -11.28
CA ARG A 94 11.62 -13.26 -12.23
C ARG A 94 10.61 -14.00 -13.11
N THR A 95 9.33 -13.85 -12.76
CA THR A 95 8.24 -14.32 -13.62
C THR A 95 7.18 -13.21 -13.66
N ILE A 96 6.34 -13.22 -14.68
CA ILE A 96 5.31 -12.18 -14.81
C ILE A 96 4.33 -12.27 -13.65
N GLU A 97 4.17 -13.47 -13.11
CA GLU A 97 3.30 -13.67 -11.95
C GLU A 97 3.84 -12.91 -10.75
N GLN A 98 5.16 -12.96 -10.56
CA GLN A 98 5.81 -12.23 -9.47
C GLN A 98 5.71 -10.73 -9.70
N ALA A 99 5.73 -10.32 -10.96
CA ALA A 99 5.61 -8.91 -11.30
C ALA A 99 4.24 -8.37 -10.89
N HIS A 100 3.19 -9.13 -11.16
CA HIS A 100 1.84 -8.74 -10.81
C HIS A 100 1.67 -8.68 -9.29
N ALA A 101 2.24 -9.67 -8.60
CA ALA A 101 2.18 -9.71 -7.15
C ALA A 101 2.92 -8.53 -6.55
N LEU A 102 4.12 -8.26 -7.08
CA LEU A 102 4.94 -7.14 -6.61
C LEU A 102 4.21 -5.81 -6.74
N ASP A 103 3.67 -5.55 -7.93
CA ASP A 103 3.02 -4.28 -8.21
C ASP A 103 1.88 -3.98 -7.24
N LYS A 104 1.10 -4.99 -6.90
CA LYS A 104 -0.01 -4.79 -5.98
C LYS A 104 0.50 -4.45 -4.57
N THR A 105 1.56 -5.13 -4.17
CA THR A 105 2.16 -4.90 -2.85
C THR A 105 2.75 -3.49 -2.76
N LEU A 106 3.46 -3.08 -3.80
CA LEU A 106 4.10 -1.76 -3.80
C LEU A 106 3.08 -0.63 -3.73
N ALA A 107 1.96 -0.80 -4.41
CA ALA A 107 0.91 0.21 -4.40
C ALA A 107 0.28 0.31 -3.01
N GLU A 108 0.07 -0.83 -2.37
CA GLU A 108 -0.48 -0.88 -1.03
C GLU A 108 0.42 -0.16 -0.03
N LEU A 109 1.73 -0.32 -0.19
CA LEU A 109 2.70 0.25 0.73
C LEU A 109 3.13 1.66 0.30
N GLY A 110 2.65 2.10 -0.85
CA GLY A 110 2.97 3.43 -1.34
C GLY A 110 4.42 3.59 -1.71
N ILE A 111 5.00 2.53 -2.27
CA ILE A 111 6.40 2.54 -2.70
C ILE A 111 6.49 2.04 -4.14
N GLU A 112 5.65 2.59 -5.01
CA GLU A 112 5.65 2.21 -6.42
C GLU A 112 7.02 2.44 -7.05
N LEU A 113 7.36 1.60 -8.01
CA LEU A 113 8.65 1.70 -8.70
C LEU A 113 8.81 3.03 -9.41
N GLU A 114 10.02 3.58 -9.33
CA GLU A 114 10.33 4.85 -9.98
C GLU A 114 11.26 4.64 -11.18
N GLY A 115 11.88 3.47 -11.25
CA GLY A 115 12.75 3.15 -12.38
C GLY A 115 13.23 1.72 -12.40
N ILE A 116 13.41 1.20 -13.62
CA ILE A 116 14.00 -0.12 -13.84
C ILE A 116 15.34 0.05 -14.55
N ILE A 117 16.38 -0.53 -13.97
CA ILE A 117 17.69 -0.57 -14.59
C ILE A 117 17.84 -1.90 -15.31
N ASN A 118 17.67 -1.89 -16.62
CA ASN A 118 17.75 -3.10 -17.43
C ASN A 118 19.13 -3.24 -18.08
N ILE A 119 19.96 -4.12 -17.53
CA ILE A 119 21.32 -4.32 -18.05
C ILE A 119 21.28 -5.26 -19.23
N GLU A 120 21.53 -4.72 -20.41
CA GLU A 120 21.55 -5.52 -21.63
C GLU A 120 22.96 -6.02 -21.92
N VAL A 121 23.09 -7.34 -22.04
CA VAL A 121 24.37 -7.97 -22.32
C VAL A 121 24.19 -9.05 -23.38
N ASN A 122 25.15 -9.16 -24.27
CA ASN A 122 25.15 -10.22 -25.28
C ASN A 122 25.08 -11.57 -24.57
N PRO A 123 24.02 -12.36 -24.83
CA PRO A 123 23.91 -13.65 -24.14
C PRO A 123 25.07 -14.59 -24.42
N ASP A 124 25.80 -14.36 -25.51
CA ASP A 124 26.95 -15.19 -25.85
C ASP A 124 28.12 -14.97 -24.89
N SER A 125 28.02 -13.94 -24.06
CA SER A 125 29.07 -13.60 -23.10
C SER A 125 28.84 -14.24 -21.73
N LEU A 126 27.63 -14.71 -21.49
CA LEU A 126 27.20 -15.03 -20.14
C LEU A 126 27.80 -16.33 -19.59
N LEU A 127 27.97 -17.32 -20.44
CA LEU A 127 28.53 -18.60 -20.01
C LEU A 127 29.93 -18.38 -19.43
N GLU A 128 30.74 -17.58 -20.12
CA GLU A 128 32.10 -17.32 -19.67
C GLU A 128 32.15 -16.47 -18.41
N ARG A 129 31.23 -15.52 -18.28
CA ARG A 129 31.15 -14.68 -17.09
C ARG A 129 30.91 -15.53 -15.85
N LEU A 130 29.98 -16.46 -15.95
CA LEU A 130 29.60 -17.27 -14.79
C LEU A 130 30.61 -18.40 -14.56
N SER A 131 31.21 -18.91 -15.64
CA SER A 131 32.22 -19.95 -15.53
C SER A 131 33.48 -19.46 -14.81
N GLY A 132 33.80 -18.18 -15.01
CA GLY A 132 35.00 -17.60 -14.43
C GLY A 132 34.76 -16.84 -13.14
N ARG A 133 33.55 -16.91 -12.61
CA ARG A 133 33.22 -16.19 -11.39
C ARG A 133 33.84 -16.84 -10.15
N ILE A 134 34.45 -16.00 -9.32
CA ILE A 134 34.87 -16.40 -7.98
C ILE A 134 34.32 -15.38 -6.99
N ILE A 135 34.02 -15.84 -5.78
CA ILE A 135 33.31 -15.01 -4.82
C ILE A 135 34.09 -14.89 -3.52
N HIS A 136 34.26 -13.65 -3.06
CA HIS A 136 34.89 -13.40 -1.77
C HIS A 136 33.91 -13.77 -0.65
N ARG A 137 34.39 -14.54 0.32
CA ARG A 137 33.52 -15.14 1.32
C ARG A 137 32.71 -14.15 2.16
N VAL A 138 33.40 -13.31 2.91
CA VAL A 138 32.74 -12.42 3.86
C VAL A 138 31.76 -11.46 3.17
N THR A 139 32.25 -10.75 2.17
CA THR A 139 31.46 -9.72 1.50
C THR A 139 30.53 -10.28 0.44
N GLY A 140 30.90 -11.41 -0.14
CA GLY A 140 30.16 -11.96 -1.27
C GLY A 140 30.47 -11.18 -2.53
N GLU A 141 31.49 -10.33 -2.48
CA GLU A 141 31.91 -9.57 -3.65
C GLU A 141 32.39 -10.54 -4.73
N THR A 142 31.86 -10.36 -5.95
CA THR A 142 32.19 -11.26 -7.05
C THR A 142 33.33 -10.71 -7.90
N PHE A 143 34.20 -11.62 -8.33
CA PHE A 143 35.33 -11.30 -9.18
C PHE A 143 35.27 -12.23 -10.38
N HIS A 144 36.13 -12.00 -11.36
CA HIS A 144 36.24 -12.88 -12.53
C HIS A 144 37.71 -13.13 -12.82
N LYS A 145 38.08 -14.41 -12.98
CA LYS A 145 39.49 -14.78 -13.08
C LYS A 145 40.21 -14.12 -14.26
N VAL A 146 39.45 -13.74 -15.28
CA VAL A 146 40.01 -13.07 -16.45
C VAL A 146 39.70 -11.57 -16.47
N PHE A 147 38.41 -11.23 -16.36
CA PHE A 147 37.94 -9.88 -16.62
C PHE A 147 38.04 -8.96 -15.39
N ASN A 148 37.98 -9.54 -14.21
CA ASN A 148 38.02 -8.77 -12.97
C ASN A 148 38.69 -9.55 -11.85
N PRO A 149 40.00 -9.81 -12.00
CA PRO A 149 40.74 -10.62 -11.03
C PRO A 149 41.14 -9.83 -9.77
N PRO A 150 41.26 -10.51 -8.63
CA PRO A 150 41.74 -9.87 -7.39
C PRO A 150 43.23 -9.55 -7.44
N VAL A 151 43.67 -8.63 -6.59
CA VAL A 151 45.06 -8.18 -6.59
C VAL A 151 46.03 -9.25 -6.11
N ASP A 152 45.66 -9.96 -5.05
CA ASP A 152 46.51 -11.01 -4.49
C ASP A 152 45.65 -12.15 -4.01
N TYR A 153 45.50 -13.16 -4.86
CA TYR A 153 44.62 -14.28 -4.56
C TYR A 153 45.22 -15.20 -3.51
N LYS A 154 44.47 -15.33 -2.42
CA LYS A 154 44.66 -16.35 -1.39
C LYS A 154 43.37 -17.18 -1.33
N GLU A 155 43.49 -18.50 -1.32
CA GLU A 155 42.31 -19.35 -1.51
C GLU A 155 41.30 -19.27 -0.36
N GLU A 156 41.79 -19.01 0.85
CA GLU A 156 40.93 -19.07 2.03
C GLU A 156 39.83 -18.02 2.01
N ASP A 157 39.97 -17.00 1.16
CA ASP A 157 39.01 -15.90 1.11
C ASP A 157 37.99 -16.04 -0.01
N TYR A 158 38.09 -17.08 -0.83
CA TYR A 158 37.19 -17.22 -1.97
C TYR A 158 36.49 -18.57 -2.05
N TYR A 159 35.53 -18.65 -2.96
CA TYR A 159 34.85 -19.90 -3.28
C TYR A 159 34.09 -19.73 -4.59
N GLN A 160 33.50 -20.82 -5.08
CA GLN A 160 32.68 -20.78 -6.28
C GLN A 160 31.25 -21.17 -5.96
N ARG A 161 30.30 -20.43 -6.49
CA ARG A 161 28.89 -20.72 -6.28
C ARG A 161 28.55 -22.08 -6.88
N GLU A 162 27.76 -22.87 -6.14
CA GLU A 162 27.44 -24.23 -6.55
C GLU A 162 26.68 -24.24 -7.87
N ASP A 163 25.91 -23.18 -8.14
CA ASP A 163 25.10 -23.11 -9.36
C ASP A 163 25.86 -22.47 -10.54
N ASP A 164 27.15 -22.23 -10.36
CA ASP A 164 28.00 -21.72 -11.45
C ASP A 164 28.68 -22.84 -12.20
N LYS A 165 28.33 -24.09 -11.89
CA LYS A 165 28.80 -25.20 -12.71
C LYS A 165 28.19 -25.06 -14.10
N PRO A 166 28.97 -25.41 -15.15
CA PRO A 166 28.56 -25.14 -16.54
C PRO A 166 27.17 -25.66 -16.90
N GLU A 167 26.85 -26.90 -16.53
CA GLU A 167 25.54 -27.46 -16.86
C GLU A 167 24.40 -26.73 -16.17
N THR A 168 24.65 -26.27 -14.94
CA THR A 168 23.65 -25.52 -14.21
C THR A 168 23.48 -24.13 -14.82
N VAL A 169 24.60 -23.51 -15.19
CA VAL A 169 24.56 -22.21 -15.84
C VAL A 169 23.75 -22.29 -17.13
N LYS A 170 23.99 -23.34 -17.91
CA LYS A 170 23.31 -23.50 -19.17
C LYS A 170 21.80 -23.66 -18.95
N ARG A 171 21.42 -24.31 -17.87
CA ARG A 171 20.00 -24.45 -17.52
C ARG A 171 19.42 -23.11 -17.06
N ARG A 172 20.17 -22.39 -16.23
CA ARG A 172 19.74 -21.09 -15.72
C ARG A 172 19.47 -20.10 -16.85
N LEU A 173 20.32 -20.10 -17.87
CA LEU A 173 20.16 -19.19 -18.98
C LEU A 173 18.89 -19.51 -19.77
N ASP A 174 18.63 -20.79 -20.01
CA ASP A 174 17.43 -21.20 -20.72
C ASP A 174 16.16 -20.76 -19.98
N VAL A 175 16.13 -20.99 -18.67
CA VAL A 175 14.98 -20.68 -17.86
C VAL A 175 14.70 -19.17 -17.83
N ASN A 176 15.74 -18.38 -17.64
CA ASN A 176 15.56 -16.93 -17.48
C ASN A 176 15.40 -16.17 -18.79
N ILE A 177 15.89 -16.74 -19.88
CA ILE A 177 15.67 -16.15 -21.20
C ILE A 177 14.19 -16.25 -21.57
N ALA A 178 13.56 -17.33 -21.15
CA ALA A 178 12.15 -17.57 -21.45
C ALA A 178 11.22 -16.66 -20.66
N GLN A 179 11.59 -16.37 -19.42
CA GLN A 179 10.75 -15.58 -18.52
C GLN A 179 11.00 -14.09 -18.64
N GLY A 180 12.21 -13.72 -19.06
CA GLY A 180 12.67 -12.34 -18.98
C GLY A 180 11.93 -11.33 -19.84
N GLU A 181 11.67 -11.68 -21.09
CA GLU A 181 11.13 -10.73 -22.06
C GLU A 181 9.79 -10.10 -21.65
N PRO A 182 8.81 -10.93 -21.25
CA PRO A 182 7.52 -10.35 -20.84
C PRO A 182 7.60 -9.41 -19.63
N ILE A 183 8.56 -9.63 -18.73
CA ILE A 183 8.70 -8.77 -17.56
C ILE A 183 9.22 -7.40 -17.96
N ILE A 184 10.21 -7.37 -18.85
CA ILE A 184 10.75 -6.12 -19.36
C ILE A 184 9.64 -5.35 -20.08
N ALA A 185 8.86 -6.06 -20.89
CA ALA A 185 7.76 -5.44 -21.63
C ALA A 185 6.72 -4.85 -20.69
N HIS A 186 6.47 -5.56 -19.59
CA HIS A 186 5.50 -5.14 -18.60
C HIS A 186 5.83 -3.76 -18.03
N TYR A 187 7.11 -3.57 -17.70
CA TYR A 187 7.55 -2.31 -17.10
C TYR A 187 7.90 -1.26 -18.15
N ARG A 188 8.26 -1.69 -19.35
CA ARG A 188 8.54 -0.75 -20.43
C ARG A 188 7.25 -0.02 -20.79
N ALA A 189 6.14 -0.75 -20.78
CA ALA A 189 4.82 -0.17 -21.04
C ALA A 189 4.51 0.97 -20.08
N LYS A 190 5.05 0.88 -18.87
CA LYS A 190 4.77 1.85 -17.83
C LYS A 190 5.71 3.05 -17.88
N GLY A 191 6.67 3.01 -18.81
CA GLY A 191 7.57 4.13 -19.04
C GLY A 191 8.70 4.21 -18.02
N LEU A 192 8.99 3.08 -17.37
CA LEU A 192 9.91 3.04 -16.26
C LEU A 192 11.28 2.46 -16.59
N VAL A 193 11.43 1.90 -17.78
CA VAL A 193 12.64 1.15 -18.11
C VAL A 193 13.75 2.01 -18.68
N HIS A 194 14.95 1.83 -18.12
CA HIS A 194 16.16 2.43 -18.64
C HIS A 194 17.10 1.32 -19.09
N ASP A 195 17.31 1.22 -20.39
CA ASP A 195 18.20 0.21 -20.95
C ASP A 195 19.65 0.64 -20.77
N ILE A 196 20.45 -0.25 -20.19
CA ILE A 196 21.86 0.03 -19.94
C ILE A 196 22.74 -0.83 -20.84
N GLU A 197 23.74 -0.18 -21.46
CA GLU A 197 24.74 -0.87 -22.24
C GLU A 197 25.64 -1.68 -21.32
N GLY A 198 25.36 -2.97 -21.21
CA GLY A 198 26.08 -3.84 -20.29
C GLY A 198 27.35 -4.43 -20.89
N ASN A 199 27.56 -4.22 -22.17
CA ASN A 199 28.75 -4.73 -22.84
C ASN A 199 29.89 -3.74 -22.80
N GLN A 200 30.30 -3.39 -21.58
CA GLN A 200 31.42 -2.49 -21.37
C GLN A 200 32.19 -2.95 -20.15
N ASP A 201 33.28 -2.25 -19.85
CA ASP A 201 33.99 -2.43 -18.59
C ASP A 201 33.03 -2.14 -17.44
N ILE A 202 33.27 -2.78 -16.30
CA ILE A 202 32.42 -2.63 -15.13
C ILE A 202 32.20 -1.16 -14.74
N ASN A 203 33.28 -0.39 -14.75
CA ASN A 203 33.19 1.01 -14.33
C ASN A 203 32.46 1.88 -15.34
N ASP A 204 32.47 1.48 -16.62
CA ASP A 204 31.75 2.22 -17.64
C ASP A 204 30.26 1.93 -17.56
N VAL A 205 29.92 0.66 -17.27
CA VAL A 205 28.53 0.29 -17.03
C VAL A 205 27.99 1.09 -15.85
N PHE A 206 28.75 1.18 -14.77
CA PHE A 206 28.28 1.88 -13.59
C PHE A 206 28.09 3.37 -13.83
N SER A 207 29.04 3.98 -14.53
CA SER A 207 28.95 5.41 -14.80
C SER A 207 27.68 5.73 -15.57
N ASP A 208 27.28 4.82 -16.46
CA ASP A 208 26.02 4.95 -17.18
C ASP A 208 24.84 4.85 -16.22
N ILE A 209 24.89 3.87 -15.32
CA ILE A 209 23.83 3.68 -14.35
C ILE A 209 23.75 4.87 -13.40
N GLU A 210 24.90 5.37 -12.97
CA GLU A 210 24.95 6.47 -12.03
C GLU A 210 24.29 7.71 -12.60
N LYS A 211 24.47 7.93 -13.91
CA LYS A 211 23.86 9.06 -14.60
C LYS A 211 22.34 8.92 -14.60
N VAL A 212 21.84 7.72 -14.84
CA VAL A 212 20.41 7.47 -14.84
C VAL A 212 19.82 7.76 -13.46
N LEU A 213 20.44 7.21 -12.43
CA LEU A 213 19.91 7.32 -11.08
C LEU A 213 19.92 8.75 -10.56
N THR A 214 21.00 9.49 -10.83
CA THR A 214 21.09 10.88 -10.40
C THR A 214 20.03 11.72 -11.10
N ASN A 215 19.63 11.30 -12.30
CA ASN A 215 18.65 12.06 -13.07
C ASN A 215 17.20 11.69 -12.76
N LEU A 216 17.01 10.78 -11.81
CA LEU A 216 15.67 10.47 -11.30
C LEU A 216 15.25 11.55 -10.30
N LYS A 217 13.97 11.92 -10.36
CA LYS A 217 13.36 12.87 -9.43
C LYS A 217 13.82 14.30 -9.70
N MET B 6 -25.26 25.27 13.84
CA MET B 6 -25.54 24.60 12.55
C MET B 6 -25.96 23.16 12.75
N ASN B 7 -27.05 22.77 12.09
CA ASN B 7 -27.49 21.38 12.07
C ASN B 7 -27.16 20.77 10.72
N LEU B 8 -26.18 19.88 10.69
CA LEU B 8 -25.63 19.37 9.44
C LEU B 8 -25.65 17.85 9.35
N LEU B 9 -25.78 17.34 8.12
CA LEU B 9 -25.44 15.96 7.82
C LEU B 9 -24.18 16.00 6.95
N ILE B 10 -23.28 15.05 7.17
CA ILE B 10 -22.18 14.82 6.23
C ILE B 10 -22.36 13.43 5.64
N MET B 11 -22.28 13.35 4.33
CA MET B 11 -22.59 12.12 3.61
C MET B 11 -21.49 11.75 2.64
N GLY B 12 -21.44 10.47 2.27
CA GLY B 12 -20.44 9.96 1.37
C GLY B 12 -20.27 8.46 1.53
N LEU B 13 -19.69 7.82 0.52
CA LEU B 13 -19.42 6.39 0.60
C LEU B 13 -18.36 6.11 1.65
N PRO B 14 -18.22 4.85 2.06
CA PRO B 14 -17.16 4.48 3.01
C PRO B 14 -15.79 4.91 2.51
N GLY B 15 -15.05 5.64 3.34
CA GLY B 15 -13.72 6.10 2.97
C GLY B 15 -13.70 7.42 2.23
N ALA B 16 -14.87 8.01 2.02
CA ALA B 16 -14.95 9.28 1.28
C ALA B 16 -14.27 10.44 2.03
N GLY B 17 -14.04 10.26 3.33
CA GLY B 17 -13.36 11.26 4.14
C GLY B 17 -14.25 11.95 5.16
N LYS B 18 -15.37 11.32 5.50
CA LYS B 18 -16.32 11.90 6.46
C LYS B 18 -15.67 12.24 7.80
N GLY B 19 -15.02 11.26 8.40
CA GLY B 19 -14.43 11.44 9.71
C GLY B 19 -13.31 12.47 9.68
N THR B 20 -12.51 12.41 8.63
CA THR B 20 -11.39 13.32 8.47
C THR B 20 -11.88 14.76 8.40
N GLN B 21 -12.89 14.98 7.59
CA GLN B 21 -13.45 16.32 7.43
C GLN B 21 -14.26 16.73 8.67
N ALA B 22 -14.93 15.76 9.29
CA ALA B 22 -15.72 16.02 10.48
C ALA B 22 -14.86 16.64 11.59
N ALA B 23 -13.64 16.16 11.76
CA ALA B 23 -12.77 16.67 12.81
C ALA B 23 -12.40 18.14 12.56
N LYS B 24 -12.18 18.48 11.30
CA LYS B 24 -11.83 19.85 10.94
C LYS B 24 -13.04 20.77 11.05
N ILE B 25 -14.22 20.24 10.74
CA ILE B 25 -15.46 21.00 10.88
C ILE B 25 -15.71 21.31 12.35
N VAL B 26 -15.53 20.30 13.21
CA VAL B 26 -15.71 20.49 14.64
C VAL B 26 -14.73 21.54 15.17
N GLU B 27 -13.48 21.46 14.73
CA GLU B 27 -12.44 22.36 15.22
C GLU B 27 -12.77 23.82 14.96
N GLN B 28 -13.38 24.09 13.82
CA GLN B 28 -13.65 25.48 13.42
C GLN B 28 -15.06 25.95 13.76
N PHE B 29 -16.05 25.05 13.65
CA PHE B 29 -17.45 25.43 13.79
C PHE B 29 -18.07 24.98 15.11
N HIS B 30 -17.36 24.13 15.84
CA HIS B 30 -17.70 23.79 17.22
C HIS B 30 -19.01 23.02 17.38
N VAL B 31 -19.46 22.36 16.32
CA VAL B 31 -20.66 21.54 16.38
C VAL B 31 -20.37 20.18 17.00
N ALA B 32 -21.41 19.50 17.48
CA ALA B 32 -21.27 18.19 18.07
C ALA B 32 -21.24 17.11 16.99
N HIS B 33 -20.14 16.35 16.94
CA HIS B 33 -20.00 15.28 15.98
C HIS B 33 -20.76 14.05 16.45
N ILE B 34 -21.76 13.64 15.67
CA ILE B 34 -22.52 12.43 15.95
C ILE B 34 -22.27 11.40 14.85
N SER B 35 -21.49 10.37 15.18
CA SER B 35 -21.17 9.31 14.24
C SER B 35 -21.74 7.98 14.72
N THR B 36 -22.63 7.40 13.93
CA THR B 36 -23.20 6.09 14.27
C THR B 36 -22.09 5.05 14.38
N GLY B 37 -21.10 5.15 13.51
CA GLY B 37 -19.95 4.27 13.56
C GLY B 37 -19.23 4.36 14.88
N ASP B 38 -18.92 5.59 15.31
CA ASP B 38 -18.27 5.83 16.60
C ASP B 38 -19.13 5.30 17.74
N MET B 39 -20.43 5.52 17.66
CA MET B 39 -21.34 5.08 18.71
C MET B 39 -21.35 3.56 18.84
N PHE B 40 -21.40 2.88 17.71
CA PHE B 40 -21.37 1.42 17.69
C PHE B 40 -20.05 0.90 18.25
N ARG B 41 -18.94 1.52 17.86
CA ARG B 41 -17.64 1.05 18.31
C ARG B 41 -17.43 1.33 19.80
N ALA B 42 -18.00 2.42 20.29
CA ALA B 42 -17.95 2.72 21.72
C ALA B 42 -18.75 1.68 22.49
N ALA B 43 -19.87 1.27 21.91
CA ALA B 43 -20.71 0.26 22.53
C ALA B 43 -19.99 -1.09 22.61
N MET B 44 -19.22 -1.41 21.58
CA MET B 44 -18.48 -2.65 21.54
C MET B 44 -17.38 -2.67 22.60
N ALA B 45 -16.70 -1.53 22.75
CA ALA B 45 -15.64 -1.40 23.73
C ALA B 45 -16.20 -1.50 25.16
N ASN B 46 -17.37 -0.90 25.36
CA ASN B 46 -18.01 -0.92 26.67
C ASN B 46 -18.75 -2.23 26.95
N GLN B 47 -18.75 -3.12 25.97
CA GLN B 47 -19.38 -4.44 26.12
C GLN B 47 -20.85 -4.29 26.51
N THR B 48 -21.56 -3.40 25.82
CA THR B 48 -22.99 -3.24 26.04
C THR B 48 -23.74 -4.23 25.17
N GLU B 49 -25.03 -4.40 25.44
CA GLU B 49 -25.86 -5.32 24.69
C GLU B 49 -25.93 -4.92 23.22
N MET B 50 -26.06 -3.62 22.98
CA MET B 50 -26.14 -3.14 21.62
C MET B 50 -24.82 -3.34 20.90
N GLY B 51 -23.72 -3.21 21.63
CA GLY B 51 -22.40 -3.40 21.07
C GLY B 51 -22.23 -4.82 20.57
N VAL B 52 -22.67 -5.79 21.37
CA VAL B 52 -22.59 -7.20 20.99
C VAL B 52 -23.39 -7.46 19.73
N LEU B 53 -24.57 -6.86 19.64
CA LEU B 53 -25.43 -7.01 18.47
C LEU B 53 -24.79 -6.40 17.24
N ALA B 54 -24.24 -5.19 17.41
CA ALA B 54 -23.68 -4.44 16.29
C ALA B 54 -22.46 -5.12 15.69
N LYS B 55 -21.61 -5.71 16.55
CA LYS B 55 -20.34 -6.26 16.12
C LYS B 55 -20.51 -7.33 15.04
N SER B 56 -21.53 -8.15 15.18
CA SER B 56 -21.76 -9.24 14.24
C SER B 56 -22.04 -8.72 12.83
N TYR B 57 -22.72 -7.58 12.75
CA TYR B 57 -23.01 -6.96 11.46
C TYR B 57 -21.79 -6.19 10.97
N ILE B 58 -21.17 -5.44 11.86
CA ILE B 58 -20.03 -4.61 11.52
C ILE B 58 -18.86 -5.43 10.97
N ASP B 59 -18.56 -6.55 11.62
CA ASP B 59 -17.43 -7.38 11.22
C ASP B 59 -17.64 -8.02 9.84
N LYS B 60 -18.89 -8.15 9.42
CA LYS B 60 -19.21 -8.72 8.12
C LYS B 60 -19.40 -7.65 7.05
N GLY B 61 -19.29 -6.38 7.45
CA GLY B 61 -19.45 -5.27 6.52
C GLY B 61 -20.90 -4.99 6.18
N GLU B 62 -21.80 -5.52 7.02
CA GLU B 62 -23.23 -5.36 6.82
C GLU B 62 -23.77 -4.21 7.66
N LEU B 63 -24.91 -3.66 7.25
CA LEU B 63 -25.57 -2.62 8.01
C LEU B 63 -26.28 -3.18 9.24
N VAL B 64 -26.07 -2.53 10.38
CA VAL B 64 -26.81 -2.82 11.59
C VAL B 64 -28.30 -2.56 11.29
N PRO B 65 -29.20 -3.40 11.83
CA PRO B 65 -30.62 -3.19 11.51
C PRO B 65 -31.12 -1.77 11.76
N ASP B 66 -32.09 -1.35 10.95
CA ASP B 66 -32.59 0.01 10.97
C ASP B 66 -33.14 0.45 12.32
N GLU B 67 -34.02 -0.37 12.90
CA GLU B 67 -34.72 0.00 14.12
C GLU B 67 -33.76 0.27 15.27
N VAL B 68 -32.77 -0.60 15.41
CA VAL B 68 -31.70 -0.42 16.39
C VAL B 68 -31.01 0.91 16.15
N THR B 69 -30.62 1.15 14.90
CA THR B 69 -29.84 2.33 14.54
C THR B 69 -30.65 3.62 14.68
N ASN B 70 -31.91 3.58 14.28
CA ASN B 70 -32.77 4.75 14.43
C ASN B 70 -32.89 5.14 15.90
N GLY B 71 -32.93 4.13 16.76
CA GLY B 71 -33.10 4.35 18.19
C GLY B 71 -31.95 5.10 18.83
N ILE B 72 -30.72 4.73 18.49
CA ILE B 72 -29.55 5.35 19.10
C ILE B 72 -29.42 6.80 18.69
N VAL B 73 -29.75 7.09 17.44
CA VAL B 73 -29.63 8.43 16.91
C VAL B 73 -30.74 9.30 17.50
N LYS B 74 -31.95 8.76 17.57
CA LYS B 74 -33.08 9.48 18.17
C LYS B 74 -32.74 9.86 19.61
N GLU B 75 -32.18 8.92 20.35
CA GLU B 75 -31.77 9.17 21.72
C GLU B 75 -30.72 10.28 21.78
N ARG B 76 -29.71 10.17 20.92
CA ARG B 76 -28.62 11.13 20.91
C ARG B 76 -29.11 12.53 20.55
N LEU B 77 -30.01 12.60 19.57
CA LEU B 77 -30.52 13.89 19.10
C LEU B 77 -31.46 14.54 20.10
N SER B 78 -31.92 13.76 21.08
CA SER B 78 -32.85 14.27 22.09
C SER B 78 -32.13 14.93 23.26
N GLN B 79 -30.80 14.89 23.24
CA GLN B 79 -30.02 15.46 24.33
C GLN B 79 -29.97 16.98 24.23
N ASP B 80 -29.63 17.63 25.34
CA ASP B 80 -29.71 19.08 25.43
C ASP B 80 -28.56 19.80 24.74
N ASP B 81 -27.41 19.13 24.64
CA ASP B 81 -26.24 19.75 24.02
C ASP B 81 -26.53 20.11 22.56
N ILE B 82 -27.37 19.29 21.93
CA ILE B 82 -27.71 19.46 20.51
C ILE B 82 -28.22 20.87 20.19
N LYS B 83 -29.17 21.36 20.99
CA LYS B 83 -29.76 22.67 20.74
C LYS B 83 -28.76 23.81 20.94
N GLU B 84 -27.77 23.60 21.80
CA GLU B 84 -26.81 24.65 22.10
C GLU B 84 -25.71 24.76 21.05
N THR B 85 -25.13 23.63 20.67
CA THR B 85 -23.92 23.64 19.87
C THR B 85 -24.15 23.27 18.40
N GLY B 86 -25.34 22.73 18.10
CA GLY B 86 -25.63 22.22 16.77
C GLY B 86 -25.03 20.83 16.62
N PHE B 87 -25.05 20.27 15.42
CA PHE B 87 -24.47 18.94 15.23
C PHE B 87 -24.04 18.66 13.81
N LEU B 88 -23.18 17.65 13.69
CA LEU B 88 -22.77 17.10 12.41
C LEU B 88 -23.05 15.60 12.45
N LEU B 89 -24.12 15.19 11.78
CA LEU B 89 -24.55 13.79 11.76
C LEU B 89 -23.80 13.06 10.66
N ASP B 90 -23.10 12.00 11.06
CA ASP B 90 -22.10 11.36 10.21
C ASP B 90 -22.33 9.85 10.17
N GLY B 91 -22.59 9.31 8.98
CA GLY B 91 -22.77 7.89 8.80
C GLY B 91 -24.22 7.46 8.97
N TYR B 92 -25.11 8.44 9.06
CA TYR B 92 -26.54 8.20 9.21
C TYR B 92 -27.28 9.37 8.56
N PRO B 93 -28.34 9.09 7.78
CA PRO B 93 -28.95 7.79 7.48
C PRO B 93 -28.18 6.98 6.46
N ARG B 94 -28.27 5.66 6.55
CA ARG B 94 -27.58 4.76 5.62
C ARG B 94 -28.54 3.87 4.84
N THR B 95 -29.84 4.01 5.12
CA THR B 95 -30.87 3.39 4.30
C THR B 95 -31.96 4.43 4.12
N ILE B 96 -32.77 4.29 3.06
CA ILE B 96 -33.84 5.23 2.81
C ILE B 96 -34.84 5.21 3.97
N GLU B 97 -35.00 4.03 4.58
CA GLU B 97 -35.90 3.91 5.72
C GLU B 97 -35.39 4.73 6.90
N GLN B 98 -34.06 4.80 7.05
CA GLN B 98 -33.46 5.59 8.12
C GLN B 98 -33.63 7.08 7.85
N ALA B 99 -33.57 7.45 6.58
CA ALA B 99 -33.76 8.84 6.18
C ALA B 99 -35.16 9.30 6.55
N HIS B 100 -36.16 8.47 6.24
CA HIS B 100 -37.54 8.79 6.58
C HIS B 100 -37.71 8.88 8.09
N ALA B 101 -37.09 7.94 8.80
CA ALA B 101 -37.15 7.92 10.26
C ALA B 101 -36.49 9.18 10.82
N LEU B 102 -35.35 9.55 10.27
CA LEU B 102 -34.64 10.75 10.71
C LEU B 102 -35.51 11.99 10.55
N ASP B 103 -36.10 12.15 9.37
CA ASP B 103 -36.93 13.31 9.07
C ASP B 103 -38.05 13.48 10.10
N LYS B 104 -38.64 12.37 10.53
CA LYS B 104 -39.68 12.40 11.56
C LYS B 104 -39.08 12.78 12.92
N THR B 105 -37.94 12.19 13.25
CA THR B 105 -37.26 12.46 14.51
C THR B 105 -36.96 13.95 14.65
N LEU B 106 -36.41 14.56 13.59
CA LEU B 106 -36.07 15.97 13.62
C LEU B 106 -37.32 16.84 13.74
N ALA B 107 -38.39 16.43 13.06
CA ALA B 107 -39.65 17.17 13.13
C ALA B 107 -40.23 17.11 14.54
N GLU B 108 -40.10 15.95 15.18
CA GLU B 108 -40.55 15.78 16.55
C GLU B 108 -39.80 16.69 17.51
N LEU B 109 -38.50 16.84 17.27
CA LEU B 109 -37.62 17.58 18.16
C LEU B 109 -37.55 19.08 17.83
N GLY B 110 -38.21 19.48 16.75
CA GLY B 110 -38.20 20.87 16.34
C GLY B 110 -36.86 21.31 15.81
N ILE B 111 -36.13 20.37 15.22
CA ILE B 111 -34.82 20.64 14.65
C ILE B 111 -34.93 20.78 13.13
N GLU B 112 -34.35 21.84 12.58
CA GLU B 112 -34.26 22.01 11.14
C GLU B 112 -32.84 21.76 10.67
N LEU B 113 -32.68 20.95 9.63
CA LEU B 113 -31.39 20.80 8.98
C LEU B 113 -31.11 22.07 8.20
N GLU B 114 -29.86 22.54 8.26
CA GLU B 114 -29.47 23.77 7.58
C GLU B 114 -28.67 23.48 6.33
N GLY B 115 -28.01 22.33 6.30
CA GLY B 115 -27.22 21.95 5.14
C GLY B 115 -26.74 20.52 5.20
N ILE B 116 -26.44 19.97 4.03
CA ILE B 116 -25.89 18.63 3.91
C ILE B 116 -24.61 18.69 3.08
N ILE B 117 -23.53 18.15 3.65
CA ILE B 117 -22.24 18.09 2.99
C ILE B 117 -22.08 16.72 2.36
N ASN B 118 -22.21 16.67 1.03
CA ASN B 118 -22.07 15.42 0.29
C ASN B 118 -20.69 15.33 -0.35
N ILE B 119 -19.80 14.55 0.25
CA ILE B 119 -18.47 14.39 -0.29
C ILE B 119 -18.50 13.39 -1.43
N GLU B 120 -18.24 13.90 -2.64
CA GLU B 120 -18.19 13.07 -3.83
C GLU B 120 -16.76 12.59 -4.09
N VAL B 121 -16.60 11.29 -4.20
CA VAL B 121 -15.29 10.68 -4.43
C VAL B 121 -15.41 9.55 -5.43
N ASN B 122 -14.39 9.39 -6.26
CA ASN B 122 -14.32 8.28 -7.19
C ASN B 122 -14.34 6.96 -6.41
N PRO B 123 -15.39 6.14 -6.60
CA PRO B 123 -15.48 4.90 -5.82
C PRO B 123 -14.29 3.97 -6.01
N ASP B 124 -13.58 4.10 -7.14
CA ASP B 124 -12.42 3.27 -7.39
C ASP B 124 -11.26 3.60 -6.45
N SER B 125 -11.37 4.72 -5.74
CA SER B 125 -10.33 5.15 -4.79
C SER B 125 -10.55 4.57 -3.41
N LEU B 126 -11.78 4.17 -3.12
CA LEU B 126 -12.19 3.90 -1.74
C LEU B 126 -11.56 2.64 -1.15
N LEU B 127 -11.32 1.63 -1.98
CA LEU B 127 -10.74 0.39 -1.48
C LEU B 127 -9.34 0.63 -0.89
N GLU B 128 -8.54 1.42 -1.59
CA GLU B 128 -7.19 1.74 -1.12
C GLU B 128 -7.20 2.68 0.09
N ARG B 129 -8.15 3.61 0.12
CA ARG B 129 -8.29 4.50 1.25
C ARG B 129 -8.54 3.73 2.54
N LEU B 130 -9.49 2.80 2.49
CA LEU B 130 -9.86 2.06 3.68
C LEU B 130 -8.84 0.97 4.02
N SER B 131 -8.22 0.40 2.99
CA SER B 131 -7.23 -0.65 3.18
C SER B 131 -5.97 -0.11 3.85
N GLY B 132 -5.64 1.14 3.58
CA GLY B 132 -4.44 1.76 4.11
C GLY B 132 -4.68 2.59 5.35
N ARG B 133 -5.91 2.56 5.88
CA ARG B 133 -6.26 3.38 7.04
C ARG B 133 -5.66 2.82 8.32
N ILE B 134 -5.08 3.71 9.13
CA ILE B 134 -4.72 3.40 10.50
C ILE B 134 -5.33 4.47 11.39
N ILE B 135 -5.61 4.11 12.64
CA ILE B 135 -6.38 4.97 13.52
C ILE B 135 -5.66 5.20 14.84
N HIS B 136 -5.59 6.46 15.25
CA HIS B 136 -5.02 6.83 16.54
C HIS B 136 -5.99 6.40 17.64
N ARG B 137 -5.49 5.69 18.63
CA ARG B 137 -6.34 5.05 19.64
C ARG B 137 -7.19 6.02 20.48
N VAL B 138 -6.54 7.01 21.10
CA VAL B 138 -7.23 7.89 22.02
C VAL B 138 -8.24 8.79 21.31
N THR B 139 -7.83 9.44 20.24
CA THR B 139 -8.68 10.41 19.55
C THR B 139 -9.58 9.78 18.50
N GLY B 140 -9.17 8.64 17.97
CA GLY B 140 -9.86 8.03 16.86
C GLY B 140 -9.57 8.75 15.55
N GLU B 141 -8.62 9.69 15.59
CA GLU B 141 -8.18 10.39 14.39
C GLU B 141 -7.61 9.39 13.40
N THR B 142 -8.06 9.45 12.15
CA THR B 142 -7.61 8.50 11.15
C THR B 142 -6.48 9.07 10.30
N PHE B 143 -5.60 8.18 9.88
CA PHE B 143 -4.46 8.51 9.02
C PHE B 143 -4.44 7.49 7.89
N HIS B 144 -3.53 7.68 6.94
CA HIS B 144 -3.36 6.75 5.83
C HIS B 144 -1.88 6.52 5.60
N LYS B 145 -1.46 5.26 5.51
CA LYS B 145 -0.04 4.93 5.46
C LYS B 145 0.67 5.56 4.26
N VAL B 146 -0.10 5.90 3.23
CA VAL B 146 0.43 6.51 2.02
C VAL B 146 0.07 8.00 1.91
N PHE B 147 -1.23 8.30 1.98
CA PHE B 147 -1.75 9.63 1.64
C PHE B 147 -1.71 10.62 2.80
N ASN B 148 -1.73 10.10 4.03
CA ASN B 148 -1.74 10.95 5.21
C ASN B 148 -1.06 10.22 6.37
N PRO B 149 0.23 9.93 6.20
CA PRO B 149 0.93 9.10 7.18
C PRO B 149 1.12 9.84 8.50
N PRO B 150 1.07 9.11 9.63
CA PRO B 150 1.30 9.73 10.93
C PRO B 150 2.75 10.18 11.05
N VAL B 151 2.96 11.22 11.86
CA VAL B 151 4.30 11.66 12.20
C VAL B 151 4.72 10.88 13.46
N ASP B 152 5.97 10.43 13.50
CA ASP B 152 6.47 9.61 14.61
C ASP B 152 5.60 8.39 14.87
N TYR B 153 5.40 7.55 13.86
CA TYR B 153 4.56 6.37 14.03
C TYR B 153 5.09 5.46 15.14
N LYS B 154 4.29 5.33 16.20
CA LYS B 154 4.54 4.39 17.27
C LYS B 154 3.39 3.39 17.30
N GLU B 155 3.71 2.12 17.09
CA GLU B 155 2.69 1.08 16.95
C GLU B 155 1.71 1.04 18.13
N GLU B 156 2.20 1.41 19.31
CA GLU B 156 1.38 1.38 20.51
C GLU B 156 0.21 2.37 20.44
N ASP B 157 0.36 3.42 19.64
CA ASP B 157 -0.63 4.49 19.60
C ASP B 157 -1.70 4.29 18.54
N TYR B 158 -1.53 3.28 17.69
CA TYR B 158 -2.42 3.09 16.55
C TYR B 158 -3.04 1.69 16.48
N TYR B 159 -4.10 1.58 15.69
CA TYR B 159 -4.71 0.28 15.41
C TYR B 159 -5.41 0.34 14.06
N GLN B 160 -5.85 -0.83 13.59
CA GLN B 160 -6.60 -0.92 12.34
C GLN B 160 -8.01 -1.40 12.63
N ARG B 161 -8.99 -0.76 12.02
CA ARG B 161 -10.39 -1.09 12.27
C ARG B 161 -10.72 -2.49 11.78
N GLU B 162 -11.50 -3.20 12.58
CA GLU B 162 -11.84 -4.60 12.30
C GLU B 162 -12.56 -4.80 10.96
N ASP B 163 -13.19 -3.76 10.44
CA ASP B 163 -13.93 -3.86 9.18
C ASP B 163 -13.18 -3.29 7.97
N ASP B 164 -11.90 -2.95 8.16
CA ASP B 164 -11.09 -2.43 7.07
C ASP B 164 -10.33 -3.53 6.31
N LYS B 165 -10.60 -4.79 6.64
CA LYS B 165 -10.06 -5.91 5.86
C LYS B 165 -10.62 -5.80 4.45
N PRO B 166 -9.77 -6.02 3.42
CA PRO B 166 -10.18 -5.79 2.04
C PRO B 166 -11.50 -6.47 1.63
N GLU B 167 -11.72 -7.73 2.01
CA GLU B 167 -12.95 -8.41 1.64
C GLU B 167 -14.15 -7.81 2.37
N THR B 168 -13.92 -7.30 3.58
CA THR B 168 -14.98 -6.62 4.31
C THR B 168 -15.27 -5.26 3.67
N VAL B 169 -14.21 -4.59 3.23
CA VAL B 169 -14.37 -3.31 2.55
C VAL B 169 -15.20 -3.47 1.28
N LYS B 170 -14.92 -4.53 0.52
CA LYS B 170 -15.65 -4.77 -0.72
C LYS B 170 -17.14 -4.96 -0.47
N ARG B 171 -17.49 -5.63 0.61
CA ARG B 171 -18.89 -5.81 0.96
C ARG B 171 -19.52 -4.50 1.39
N ARG B 172 -18.76 -3.73 2.18
CA ARG B 172 -19.24 -2.43 2.66
C ARG B 172 -19.53 -1.49 1.49
N LEU B 173 -18.66 -1.51 0.48
CA LEU B 173 -18.85 -0.67 -0.69
C LEU B 173 -20.06 -1.10 -1.49
N ASP B 174 -20.21 -2.41 -1.69
CA ASP B 174 -21.38 -2.94 -2.41
C ASP B 174 -22.67 -2.54 -1.69
N VAL B 175 -22.69 -2.70 -0.38
CA VAL B 175 -23.87 -2.39 0.42
C VAL B 175 -24.19 -0.89 0.38
N ASN B 176 -23.18 -0.06 0.61
CA ASN B 176 -23.41 1.38 0.75
C ASN B 176 -23.57 2.12 -0.57
N ILE B 177 -23.02 1.59 -1.64
CA ILE B 177 -23.22 2.16 -2.97
C ILE B 177 -24.68 1.95 -3.37
N ALA B 178 -25.17 0.74 -3.16
CA ALA B 178 -26.53 0.39 -3.53
C ALA B 178 -27.53 1.15 -2.69
N GLN B 179 -27.21 1.34 -1.41
CA GLN B 179 -28.14 1.91 -0.45
C GLN B 179 -28.00 3.43 -0.33
N GLY B 180 -26.82 3.95 -0.60
CA GLY B 180 -26.55 5.37 -0.46
C GLY B 180 -27.15 6.22 -1.55
N GLU B 181 -27.36 5.63 -2.72
CA GLU B 181 -27.80 6.35 -3.91
C GLU B 181 -29.14 7.10 -3.73
N PRO B 182 -30.20 6.37 -3.33
CA PRO B 182 -31.49 7.06 -3.16
C PRO B 182 -31.54 8.03 -1.99
N ILE B 183 -30.65 7.85 -1.02
CA ILE B 183 -30.62 8.72 0.17
C ILE B 183 -30.16 10.12 -0.22
N ILE B 184 -29.11 10.19 -1.02
CA ILE B 184 -28.59 11.45 -1.52
C ILE B 184 -29.69 12.14 -2.32
N ALA B 185 -30.37 11.35 -3.14
CA ALA B 185 -31.45 11.85 -3.97
C ALA B 185 -32.58 12.43 -3.11
N HIS B 186 -32.91 11.72 -2.03
CA HIS B 186 -33.97 12.13 -1.12
C HIS B 186 -33.73 13.55 -0.60
N TYR B 187 -32.51 13.85 -0.21
CA TYR B 187 -32.17 15.15 0.36
C TYR B 187 -31.84 16.20 -0.69
N ARG B 188 -31.35 15.78 -1.85
CA ARG B 188 -31.13 16.72 -2.94
C ARG B 188 -32.48 17.31 -3.35
N ALA B 189 -33.52 16.48 -3.28
CA ALA B 189 -34.87 16.92 -3.59
C ALA B 189 -35.34 17.99 -2.61
N LYS B 190 -34.75 18.00 -1.42
CA LYS B 190 -35.12 18.96 -0.38
C LYS B 190 -34.28 20.25 -0.47
N GLY B 191 -33.30 20.25 -1.36
CA GLY B 191 -32.52 21.45 -1.62
C GLY B 191 -31.42 21.72 -0.62
N LEU B 192 -31.03 20.70 0.15
CA LEU B 192 -30.07 20.86 1.22
C LEU B 192 -28.66 20.41 0.87
N VAL B 193 -28.52 19.69 -0.24
CA VAL B 193 -27.24 19.07 -0.58
C VAL B 193 -26.26 20.04 -1.22
N HIS B 194 -25.08 20.13 -0.62
CA HIS B 194 -23.94 20.81 -1.20
C HIS B 194 -22.90 19.78 -1.60
N ASP B 195 -22.70 19.61 -2.90
CA ASP B 195 -21.76 18.62 -3.42
C ASP B 195 -20.34 19.11 -3.26
N ILE B 196 -19.49 18.27 -2.67
CA ILE B 196 -18.10 18.61 -2.41
C ILE B 196 -17.16 17.76 -3.25
N GLU B 197 -16.18 18.42 -3.86
CA GLU B 197 -15.14 17.73 -4.61
C GLU B 197 -14.20 17.01 -3.65
N GLY B 198 -14.44 15.71 -3.47
CA GLY B 198 -13.69 14.92 -2.51
C GLY B 198 -12.41 14.33 -3.08
N ASN B 199 -12.21 14.51 -4.38
CA ASN B 199 -11.02 13.99 -5.03
C ASN B 199 -9.92 15.04 -5.05
N GLN B 200 -9.51 15.47 -3.85
CA GLN B 200 -8.42 16.42 -3.68
C GLN B 200 -7.66 16.07 -2.41
N ASP B 201 -6.60 16.82 -2.14
CA ASP B 201 -5.90 16.77 -0.87
C ASP B 201 -6.89 17.08 0.25
N ILE B 202 -6.64 16.50 1.42
CA ILE B 202 -7.50 16.68 2.58
C ILE B 202 -7.79 18.15 2.87
N ASN B 203 -6.76 18.98 2.86
CA ASN B 203 -6.93 20.39 3.20
C ASN B 203 -7.69 21.18 2.13
N ASP B 204 -7.63 20.70 0.88
CA ASP B 204 -8.36 21.34 -0.20
C ASP B 204 -9.83 20.96 -0.14
N VAL B 205 -10.11 19.71 0.22
CA VAL B 205 -11.49 19.28 0.44
C VAL B 205 -12.10 20.11 1.56
N PHE B 206 -11.35 20.32 2.63
CA PHE B 206 -11.87 21.09 3.75
C PHE B 206 -12.10 22.56 3.37
N SER B 207 -11.20 23.11 2.55
CA SER B 207 -11.34 24.49 2.12
C SER B 207 -12.69 24.69 1.44
N ASP B 208 -13.09 23.74 0.60
CA ASP B 208 -14.38 23.80 -0.07
C ASP B 208 -15.52 23.71 0.92
N ILE B 209 -15.41 22.78 1.86
CA ILE B 209 -16.43 22.61 2.89
C ILE B 209 -16.56 23.87 3.72
N GLU B 210 -15.41 24.41 4.14
CA GLU B 210 -15.36 25.57 5.02
C GLU B 210 -16.07 26.76 4.40
N LYS B 211 -15.91 26.95 3.10
CA LYS B 211 -16.54 28.07 2.40
C LYS B 211 -18.06 27.89 2.31
N VAL B 212 -18.51 26.65 2.14
CA VAL B 212 -19.93 26.36 2.16
C VAL B 212 -20.51 26.67 3.53
N LEU B 213 -19.88 26.13 4.58
CA LEU B 213 -20.41 26.26 5.93
C LEU B 213 -20.42 27.70 6.44
N THR B 214 -19.38 28.47 6.13
CA THR B 214 -19.31 29.85 6.59
C THR B 214 -20.38 30.71 5.89
N ASN B 215 -20.82 30.26 4.72
CA ASN B 215 -21.85 30.97 3.98
C ASN B 215 -23.26 30.67 4.49
N LEU B 216 -23.37 29.74 5.43
CA LEU B 216 -24.65 29.45 6.06
C LEU B 216 -24.97 30.53 7.07
N LYS B 217 -26.22 30.95 7.09
CA LYS B 217 -26.70 31.93 8.08
C LYS B 217 -25.98 33.25 7.89
MG MG C . 23.78 -11.60 -8.48
PA AP5 D . 27.64 -10.75 -11.32
O1A AP5 D . 27.33 -9.29 -11.10
O2A AP5 D . 28.02 -11.43 -10.03
O3A AP5 D . 26.45 -11.47 -12.05
PB AP5 D . 24.90 -11.39 -11.76
O1B AP5 D . 24.24 -10.55 -12.83
O2B AP5 D . 24.60 -10.83 -10.40
O3B AP5 D . 24.47 -12.91 -11.95
PG AP5 D . 23.78 -13.88 -10.93
O1G AP5 D . 24.02 -15.32 -11.33
O2G AP5 D . 24.30 -13.62 -9.54
O3G AP5 D . 22.27 -13.49 -11.05
PD AP5 D . 21.14 -14.56 -11.18
O1D AP5 D . 19.81 -13.88 -11.32
O2D AP5 D . 21.39 -15.43 -12.39
O3D AP5 D . 21.20 -15.44 -9.89
PE AP5 D . 20.49 -15.09 -8.54
O1E AP5 D . 21.55 -15.01 -7.48
O2E AP5 D . 19.70 -13.81 -8.59
O5F AP5 D . 28.81 -10.91 -12.38
C5F AP5 D . 28.95 -12.17 -12.97
C4F AP5 D . 30.37 -12.42 -13.31
O4F AP5 D . 30.71 -11.64 -14.51
C3F AP5 D . 31.28 -12.03 -12.27
O3F AP5 D . 32.43 -12.91 -12.29
C2F AP5 D . 31.69 -10.70 -12.59
O2F AP5 D . 33.00 -10.41 -12.06
C1F AP5 D . 31.70 -10.66 -14.05
N9A AP5 D . 31.35 -9.38 -14.57
C8A AP5 D . 30.44 -8.52 -14.13
N7A AP5 D . 30.42 -7.45 -14.92
C5A AP5 D . 31.32 -7.60 -15.91
C6A AP5 D . 31.73 -6.84 -17.01
N6A AP5 D . 31.16 -5.58 -17.27
N1A AP5 D . 32.68 -7.32 -17.82
C2A AP5 D . 33.26 -8.50 -17.62
N3A AP5 D . 32.88 -9.27 -16.56
C4A AP5 D . 31.94 -8.85 -15.71
O5J AP5 D . 19.52 -16.32 -8.26
C5J AP5 D . 20.11 -17.58 -8.20
C4J AP5 D . 19.07 -18.62 -8.11
O4J AP5 D . 18.17 -18.35 -7.01
C3J AP5 D . 18.23 -18.66 -9.31
O3J AP5 D . 18.82 -19.48 -10.31
C2J AP5 D . 16.99 -19.18 -8.85
O2J AP5 D . 17.08 -20.61 -8.73
C1J AP5 D . 16.82 -18.63 -7.52
N9B AP5 D . 16.11 -17.42 -7.59
C8B AP5 D . 16.60 -16.20 -7.38
N7B AP5 D . 15.63 -15.29 -7.51
C5B AP5 D . 14.49 -15.91 -7.81
C6B AP5 D . 13.17 -15.50 -8.05
N6B AP5 D . 12.84 -14.11 -8.02
N1B AP5 D . 12.22 -16.40 -8.33
C2B AP5 D . 12.49 -17.72 -8.36
N3B AP5 D . 13.75 -18.16 -8.14
C4B AP5 D . 14.76 -17.30 -7.85
MG MG E . -15.76 7.60 9.73
PA AP5 F . -12.06 8.58 6.80
O1A AP5 F . -12.35 10.04 6.99
O2A AP5 F . -11.71 7.88 8.10
O3A AP5 F . -13.24 7.85 6.05
PB AP5 F . -14.78 7.86 6.36
O1B AP5 F . -15.49 8.61 5.27
O2B AP5 F . -15.08 8.43 7.71
O3B AP5 F . -15.11 6.31 6.23
PG AP5 F . -15.72 5.31 7.27
O1G AP5 F . -15.07 3.95 7.09
O2G AP5 F . -15.48 5.76 8.69
O3G AP5 F . -17.24 5.23 6.91
PD AP5 F . -18.00 3.93 7.27
O1D AP5 F . -19.47 4.12 7.08
O2D AP5 F . -17.54 2.79 6.41
O3D AP5 F . -17.72 3.65 8.78
PE AP5 F . -18.79 3.92 9.88
O1E AP5 F . -17.93 4.06 11.10
O2E AP5 F . -19.62 5.14 9.64
O5F AP5 F . -10.86 8.40 5.79
C5F AP5 F . -10.69 7.13 5.21
C4F AP5 F . -9.27 6.91 4.92
O4F AP5 F . -8.90 7.65 3.69
C3F AP5 F . -8.39 7.39 5.97
O3F AP5 F . -7.21 6.55 6.02
C2F AP5 F . -8.04 8.73 5.59
O2F AP5 F . -6.76 9.11 6.13
C1F AP5 F . -7.98 8.69 4.14
N9A AP5 F . -8.36 9.92 3.53
C8A AP5 F . -9.30 10.78 3.90
N7A AP5 F . -9.36 11.81 3.05
C5A AP5 F . -8.42 11.62 2.09
C6A AP5 F . -8.00 12.33 0.95
N6A AP5 F . -8.62 13.56 0.60
N1A AP5 F . -7.03 11.84 0.20
C2A AP5 F . -6.42 10.70 0.47
N3A AP5 F . -6.79 9.97 1.57
C4A AP5 F . -7.77 10.41 2.37
O5J AP5 F . -19.71 2.62 9.91
C5J AP5 F . -19.08 1.36 9.92
C4J AP5 F . -20.04 0.27 10.17
O4J AP5 F . -20.90 0.59 11.30
C3J AP5 F . -20.91 0.07 9.03
O3J AP5 F . -20.32 -0.83 8.11
C2J AP5 F . -22.11 -0.48 9.60
O2J AP5 F . -21.93 -1.88 9.82
C1J AP5 F . -22.26 0.20 10.87
N9B AP5 F . -23.03 1.34 10.70
C8B AP5 F . -22.63 2.61 10.84
N7B AP5 F . -23.64 3.45 10.60
C5B AP5 F . -24.73 2.74 10.31
C6B AP5 F . -26.06 3.04 9.98
N6B AP5 F . -26.47 4.42 9.91
N1B AP5 F . -26.94 2.06 9.74
C2B AP5 F . -26.59 0.76 9.80
N3B AP5 F . -25.32 0.42 10.12
C4B AP5 F . -24.38 1.38 10.37
#